data_7A5L
#
_entry.id   7A5L
#
_cell.length_a   81.750
_cell.length_b   81.750
_cell.length_c   123.871
_cell.angle_alpha   90.000
_cell.angle_beta   90.000
_cell.angle_gamma   90.000
#
_symmetry.space_group_name_H-M   'P 43 21 2'
#
loop_
_entity.id
_entity.type
_entity.pdbx_description
1 polymer 'Dual specificity tyrosine-phosphorylation-regulated kinase 1A'
2 non-polymer 4-[2-methyl-4-(thiophen-3-ylmethoxy)-7~{H}-pyrrolo[2,3-d]pyrimidin-5-yl]pyridin-2-amine
3 non-polymer 'CHLORIDE ION'
4 water water
#
_entity_poly.entity_id   1
_entity_poly.type   'polypeptide(L)'
_entity_poly.pdbx_seq_one_letter_code
;MGSSHHHHHHSSGLVPRG(SEP)HMIVKNGEKWMDRYEIDSLIGKGSFGQVVKAYDRVEQEWVAIKIIKNKKAFLNQAQI
EVRLLELMNKHDTEMKYYIVHLKRHFMFRNHLCLVFEMLSYNLYDLLRNTNFRGVSLNLTRKFAQQMCTALLFLATPELS
IIHCDLKPENILLCNPKRSAIKIVDFGSSCQLGQRIYQ(PTR)IQSRFYRSPEVLLGMPYDLAIDMWSLGCILVEMHTGE
PLFSGANEVDQMNKIVEVLGIPPAHILDQAPKARKFFEKLPDGTWNLKKTKDGKREYKPPGTRKLHNILGVETGGPGGRR
AGESGHTVADYLKFKDLILRMLDYDPKTRIQPYYALQHSFFKKTADE
;
_entity_poly.pdbx_strand_id   A
#
loop_
_chem_comp.id
_chem_comp.type
_chem_comp.name
_chem_comp.formula
CL non-polymer 'CHLORIDE ION' 'Cl -1'
QZW non-polymer 4-[2-methyl-4-(thiophen-3-ylmethoxy)-7~{H}-pyrrolo[2,3-d]pyrimidin-5-yl]pyridin-2-amine 'C17 H15 N5 O S'
#
# COMPACT_ATOMS: atom_id res chain seq x y z
N MET A 21 15.52 15.86 -17.10
CA MET A 21 14.87 16.74 -18.11
C MET A 21 14.46 18.06 -17.42
N ILE A 22 14.87 19.20 -18.02
CA ILE A 22 14.46 20.57 -17.64
C ILE A 22 13.04 20.82 -18.16
N VAL A 23 12.07 20.95 -17.24
CA VAL A 23 10.68 21.40 -17.57
C VAL A 23 10.46 22.73 -16.87
N LYS A 24 10.54 23.85 -17.60
CA LYS A 24 10.33 25.21 -17.04
C LYS A 24 8.82 25.40 -16.76
N ASN A 25 8.50 26.19 -15.77
CA ASN A 25 7.12 26.70 -15.51
CA ASN A 25 7.12 26.67 -15.51
C ASN A 25 6.75 27.65 -16.65
N GLY A 26 5.62 27.42 -17.30
CA GLY A 26 5.09 28.28 -18.39
C GLY A 26 5.35 27.66 -19.75
N GLU A 27 6.24 26.68 -19.83
CA GLU A 27 6.43 25.78 -20.99
C GLU A 27 5.06 25.31 -21.50
N LYS A 28 4.81 25.40 -22.79
CA LYS A 28 3.54 24.98 -23.44
C LYS A 28 3.85 23.73 -24.25
N TRP A 29 3.08 22.66 -24.07
CA TRP A 29 3.18 21.41 -24.84
C TRP A 29 2.01 21.31 -25.80
N MET A 30 2.30 21.13 -27.10
CA MET A 30 1.37 20.59 -28.12
C MET A 30 0.10 21.44 -28.19
N ASP A 31 0.22 22.75 -27.96
CA ASP A 31 -0.92 23.69 -27.96
C ASP A 31 -2.03 23.21 -27.02
N ARG A 32 -1.71 22.44 -25.96
CA ARG A 32 -2.76 21.83 -25.10
C ARG A 32 -2.46 22.01 -23.61
N TYR A 33 -1.22 21.77 -23.15
CA TYR A 33 -0.87 21.74 -21.70
C TYR A 33 0.09 22.87 -21.37
N GLU A 34 -0.19 23.67 -20.34
CA GLU A 34 0.79 24.65 -19.81
C GLU A 34 1.34 24.14 -18.48
N ILE A 35 2.65 23.90 -18.41
CA ILE A 35 3.30 23.35 -17.19
C ILE A 35 3.32 24.47 -16.14
N ASP A 36 2.86 24.15 -14.95
CA ASP A 36 2.80 25.13 -13.85
C ASP A 36 3.94 24.87 -12.89
N SER A 37 4.10 23.65 -12.37
CA SER A 37 5.03 23.42 -11.25
C SER A 37 5.31 21.93 -11.06
N LEU A 38 6.34 21.65 -10.26
CA LEU A 38 6.73 20.27 -9.90
C LEU A 38 5.84 19.81 -8.75
N ILE A 39 5.19 18.67 -8.88
CA ILE A 39 4.49 18.10 -7.70
C ILE A 39 5.47 17.23 -6.93
N GLY A 40 6.24 16.41 -7.64
CA GLY A 40 7.25 15.56 -7.01
C GLY A 40 8.02 14.71 -8.02
N LYS A 41 9.00 13.98 -7.51
CA LYS A 41 9.97 13.17 -8.28
C LYS A 41 9.94 11.75 -7.73
N GLY A 42 10.18 10.76 -8.58
CA GLY A 42 10.34 9.35 -8.19
C GLY A 42 11.47 8.74 -8.99
N SER A 43 11.75 7.46 -8.80
CA SER A 43 12.72 6.71 -9.64
C SER A 43 12.22 6.69 -11.10
N PHE A 44 10.90 6.75 -11.31
CA PHE A 44 10.25 6.71 -12.65
C PHE A 44 10.51 8.01 -13.45
N GLY A 45 10.80 9.12 -12.79
CA GLY A 45 10.75 10.46 -13.42
C GLY A 45 10.06 11.50 -12.54
N GLN A 46 9.16 12.29 -13.09
CA GLN A 46 8.56 13.40 -12.31
C GLN A 46 7.08 13.58 -12.65
N VAL A 47 6.39 14.17 -11.69
CA VAL A 47 4.95 14.51 -11.78
C VAL A 47 4.85 16.02 -11.68
N VAL A 48 4.21 16.61 -12.69
CA VAL A 48 4.05 18.09 -12.79
C VAL A 48 2.56 18.41 -12.82
N LYS A 49 2.24 19.58 -12.29
CA LYS A 49 0.91 20.19 -12.42
C LYS A 49 0.92 21.00 -13.71
N ALA A 50 -0.15 20.89 -14.47
CA ALA A 50 -0.30 21.49 -15.82
C ALA A 50 -1.76 21.82 -16.07
N TYR A 51 -1.99 22.88 -16.83
CA TYR A 51 -3.33 23.29 -17.27
C TYR A 51 -3.63 22.66 -18.62
N ASP A 52 -4.73 21.95 -18.72
CA ASP A 52 -5.26 21.38 -19.97
C ASP A 52 -6.25 22.37 -20.56
N ARG A 53 -5.82 23.08 -21.61
CA ARG A 53 -6.62 24.09 -22.34
C ARG A 53 -7.84 23.40 -23.00
N VAL A 54 -7.83 22.09 -23.27
CA VAL A 54 -8.95 21.48 -24.05
C VAL A 54 -10.07 21.19 -23.05
N GLU A 55 -9.80 20.41 -22.02
CA GLU A 55 -10.84 20.07 -21.00
C GLU A 55 -11.06 21.30 -20.12
N GLN A 56 -10.13 22.25 -20.15
CA GLN A 56 -10.11 23.45 -19.27
C GLN A 56 -10.07 22.99 -17.81
N GLU A 57 -8.99 22.33 -17.40
CA GLU A 57 -8.90 21.86 -16.00
C GLU A 57 -7.43 21.63 -15.73
N TRP A 58 -7.10 21.51 -14.47
CA TRP A 58 -5.72 21.19 -14.09
C TRP A 58 -5.60 19.67 -14.09
N VAL A 59 -4.42 19.18 -14.49
CA VAL A 59 -4.10 17.73 -14.46
C VAL A 59 -2.70 17.56 -13.90
N ALA A 60 -2.40 16.36 -13.49
CA ALA A 60 -1.06 15.89 -13.10
C ALA A 60 -0.51 15.08 -14.27
N ILE A 61 0.65 15.48 -14.77
CA ILE A 61 1.34 14.75 -15.86
C ILE A 61 2.53 14.02 -15.24
N LYS A 62 2.51 12.69 -15.32
CA LYS A 62 3.61 11.83 -14.88
C LYS A 62 4.52 11.65 -16.10
N ILE A 63 5.71 12.22 -16.01
CA ILE A 63 6.72 12.30 -17.11
C ILE A 63 7.77 11.24 -16.83
N ILE A 64 7.76 10.19 -17.63
CA ILE A 64 8.67 9.04 -17.47
C ILE A 64 10.03 9.38 -18.08
N LYS A 65 11.10 9.04 -17.37
CA LYS A 65 12.48 9.17 -17.86
C LYS A 65 12.61 8.47 -19.21
N ASN A 66 13.48 9.04 -20.03
CA ASN A 66 13.80 8.52 -21.37
C ASN A 66 14.83 7.40 -21.21
N LYS A 67 14.50 6.35 -20.47
CA LYS A 67 15.36 5.15 -20.25
C LYS A 67 14.50 3.91 -20.41
N LYS A 68 14.99 2.92 -21.15
CA LYS A 68 14.22 1.69 -21.47
C LYS A 68 13.51 1.15 -20.22
N ALA A 69 14.21 1.02 -19.08
CA ALA A 69 13.66 0.33 -17.89
C ALA A 69 12.42 1.05 -17.40
N PHE A 70 12.49 2.38 -17.33
CA PHE A 70 11.39 3.17 -16.76
C PHE A 70 10.26 3.22 -17.79
N LEU A 71 10.59 3.33 -19.08
CA LEU A 71 9.57 3.33 -20.16
C LEU A 71 8.78 2.03 -20.07
N ASN A 72 9.48 0.91 -19.90
CA ASN A 72 8.88 -0.45 -19.92
C ASN A 72 7.89 -0.60 -18.76
N GLN A 73 8.18 -0.10 -17.53
CA GLN A 73 7.20 -0.24 -16.41
CA GLN A 73 7.27 -0.13 -16.32
C GLN A 73 6.06 0.76 -16.57
N ALA A 74 6.34 1.95 -17.12
CA ALA A 74 5.24 2.91 -17.38
C ALA A 74 4.31 2.31 -18.43
N GLN A 75 4.84 1.59 -19.42
CA GLN A 75 3.97 0.98 -20.47
C GLN A 75 3.06 -0.05 -19.81
N ILE A 76 3.55 -0.80 -18.83
CA ILE A 76 2.73 -1.78 -18.09
C ILE A 76 1.71 -1.00 -17.27
N GLU A 77 2.13 0.13 -16.68
CA GLU A 77 1.20 0.94 -15.87
C GLU A 77 0.04 1.42 -16.75
N VAL A 78 0.34 1.94 -17.94
CA VAL A 78 -0.71 2.41 -18.92
C VAL A 78 -1.60 1.23 -19.27
N ARG A 79 -1.04 0.07 -19.57
CA ARG A 79 -1.89 -1.07 -19.95
C ARG A 79 -2.83 -1.40 -18.78
N LEU A 80 -2.32 -1.47 -17.57
CA LEU A 80 -3.17 -1.94 -16.45
C LEU A 80 -4.24 -0.90 -16.13
N LEU A 81 -3.91 0.39 -16.20
CA LEU A 81 -4.91 1.45 -15.95
C LEU A 81 -5.99 1.45 -17.06
N GLU A 82 -5.60 1.29 -18.33
CA GLU A 82 -6.58 1.26 -19.45
C GLU A 82 -7.48 0.03 -19.28
N LEU A 83 -6.91 -1.10 -18.81
CA LEU A 83 -7.72 -2.31 -18.53
C LEU A 83 -8.79 -1.99 -17.48
N MET A 84 -8.42 -1.29 -16.42
CA MET A 84 -9.36 -0.91 -15.33
C MET A 84 -10.44 0.00 -15.89
N ASN A 85 -10.03 0.97 -16.73
CA ASN A 85 -10.93 2.00 -17.32
C ASN A 85 -12.09 1.32 -18.03
N LYS A 86 -11.89 0.18 -18.67
CA LYS A 86 -12.99 -0.43 -19.47
C LYS A 86 -13.95 -1.21 -18.56
N HIS A 87 -13.69 -1.32 -17.25
CA HIS A 87 -14.61 -1.92 -16.25
C HIS A 87 -15.38 -0.81 -15.55
N ASP A 88 -16.43 -0.28 -16.18
CA ASP A 88 -17.37 0.68 -15.56
C ASP A 88 -18.22 -0.08 -14.51
N THR A 89 -17.88 0.10 -13.24
CA THR A 89 -18.60 -0.42 -12.04
C THR A 89 -18.43 0.59 -10.91
N GLU A 90 -19.25 0.46 -9.86
CA GLU A 90 -19.27 1.30 -8.63
C GLU A 90 -17.92 1.26 -7.89
N MET A 91 -17.03 0.31 -8.19
CA MET A 91 -15.86 0.06 -7.31
C MET A 91 -14.56 0.49 -7.98
N LYS A 92 -14.59 0.92 -9.23
CA LYS A 92 -13.35 1.39 -9.89
C LYS A 92 -12.90 2.78 -9.39
N TYR A 93 -13.70 3.52 -8.61
CA TYR A 93 -13.42 4.96 -8.35
C TYR A 93 -12.55 5.15 -7.10
N TYR A 94 -11.86 4.11 -6.58
CA TYR A 94 -10.82 4.32 -5.54
C TYR A 94 -9.43 4.26 -6.20
N ILE A 95 -9.38 4.26 -7.52
CA ILE A 95 -8.12 4.19 -8.30
C ILE A 95 -7.99 5.51 -9.04
N VAL A 96 -6.82 6.13 -9.03
CA VAL A 96 -6.60 7.39 -9.76
C VAL A 96 -7.00 7.19 -11.23
N HIS A 97 -7.66 8.18 -11.82
CA HIS A 97 -8.09 8.17 -13.24
C HIS A 97 -6.97 8.59 -14.18
N LEU A 98 -6.51 7.66 -15.04
CA LEU A 98 -5.67 8.01 -16.21
C LEU A 98 -6.58 8.61 -17.27
N LYS A 99 -6.31 9.84 -17.66
CA LYS A 99 -7.10 10.53 -18.71
C LYS A 99 -6.57 10.13 -20.09
N ARG A 100 -5.26 10.13 -20.26
CA ARG A 100 -4.64 9.62 -21.50
C ARG A 100 -3.13 9.67 -21.37
N HIS A 101 -2.44 9.32 -22.45
CA HIS A 101 -0.98 9.30 -22.46
C HIS A 101 -0.49 9.64 -23.85
N PHE A 102 0.73 10.14 -23.92
CA PHE A 102 1.33 10.54 -25.19
C PHE A 102 2.84 10.44 -25.03
N MET A 103 3.54 10.46 -26.16
CA MET A 103 5.01 10.42 -26.23
C MET A 103 5.41 11.85 -26.53
N PHE A 104 6.33 12.42 -25.78
CA PHE A 104 6.80 13.80 -25.98
C PHE A 104 8.28 13.90 -25.66
N ARG A 105 9.09 14.13 -26.70
CA ARG A 105 10.57 14.34 -26.63
C ARG A 105 11.18 13.06 -26.05
N ASN A 106 10.60 11.91 -26.41
CA ASN A 106 11.05 10.53 -26.04
C ASN A 106 10.78 10.24 -24.56
N HIS A 107 9.85 10.96 -23.94
CA HIS A 107 9.31 10.67 -22.59
C HIS A 107 7.85 10.23 -22.75
N LEU A 108 7.52 9.05 -22.24
CA LEU A 108 6.13 8.63 -22.05
C LEU A 108 5.53 9.52 -20.96
N CYS A 109 4.40 10.14 -21.26
CA CYS A 109 3.69 11.08 -20.37
C CYS A 109 2.31 10.50 -20.09
N LEU A 110 1.99 10.35 -18.82
CA LEU A 110 0.66 9.86 -18.37
C LEU A 110 -0.09 11.01 -17.76
N VAL A 111 -1.30 11.32 -18.25
CA VAL A 111 -2.10 12.48 -17.77
C VAL A 111 -3.17 11.95 -16.82
N PHE A 112 -3.14 12.42 -15.57
CA PHE A 112 -4.15 12.03 -14.57
C PHE A 112 -4.99 13.22 -14.11
N GLU A 113 -6.13 12.92 -13.49
CA GLU A 113 -6.79 13.93 -12.63
C GLU A 113 -5.78 14.44 -11.57
N MET A 114 -5.98 15.65 -11.10
CA MET A 114 -5.27 16.17 -9.90
C MET A 114 -5.90 15.56 -8.66
N LEU A 115 -5.05 15.07 -7.77
CA LEU A 115 -5.46 14.70 -6.40
C LEU A 115 -4.76 15.67 -5.43
N SER A 116 -4.67 15.29 -4.15
CA SER A 116 -4.07 16.14 -3.08
C SER A 116 -2.89 15.39 -2.47
N TYR A 117 -2.61 15.64 -1.19
CA TYR A 117 -1.40 15.14 -0.52
C TYR A 117 -1.61 13.68 -0.10
N ASN A 118 -0.56 12.98 0.28
CA ASN A 118 -0.62 11.52 0.54
C ASN A 118 -0.80 11.25 2.01
N LEU A 119 -1.06 10.00 2.34
CA LEU A 119 -1.40 9.60 3.72
C LEU A 119 -0.15 9.69 4.59
N TYR A 120 1.06 9.55 4.07
CA TYR A 120 2.26 9.81 4.90
C TYR A 120 2.28 11.29 5.34
N ASP A 121 1.98 12.21 4.42
CA ASP A 121 1.90 13.65 4.73
C ASP A 121 0.80 13.87 5.76
N LEU A 122 -0.32 13.17 5.64
CA LEU A 122 -1.39 13.30 6.65
C LEU A 122 -0.79 12.92 8.01
N LEU A 123 -0.02 11.84 8.08
CA LEU A 123 0.56 11.36 9.36
C LEU A 123 1.56 12.40 9.89
N ARG A 124 2.45 12.90 9.03
CA ARG A 124 3.44 13.93 9.42
C ARG A 124 2.66 15.12 9.99
N ASN A 125 1.51 15.46 9.42
CA ASN A 125 0.72 16.61 9.88
C ASN A 125 0.14 16.34 11.29
N THR A 126 -0.03 15.09 11.73
CA THR A 126 -0.47 14.76 13.14
C THR A 126 0.74 14.71 14.08
N ASN A 127 1.95 15.06 13.62
CA ASN A 127 3.24 14.83 14.34
C ASN A 127 3.35 13.34 14.67
N PHE A 128 2.91 12.50 13.72
CA PHE A 128 3.02 11.03 13.82
C PHE A 128 2.36 10.51 15.10
N ARG A 129 1.28 11.14 15.54
CA ARG A 129 0.45 10.64 16.66
C ARG A 129 -0.73 9.84 16.12
N GLY A 130 -1.02 9.92 14.81
CA GLY A 130 -2.01 9.06 14.16
C GLY A 130 -3.34 9.73 14.06
N VAL A 131 -4.19 9.27 13.14
CA VAL A 131 -5.58 9.79 12.98
C VAL A 131 -6.51 8.91 13.80
N SER A 132 -7.76 9.36 13.97
CA SER A 132 -8.77 8.71 14.84
C SER A 132 -9.12 7.31 14.29
N LEU A 133 -9.61 6.44 15.15
CA LEU A 133 -10.17 5.14 14.70
C LEU A 133 -11.27 5.37 13.66
N ASN A 134 -12.07 6.42 13.77
CA ASN A 134 -13.16 6.71 12.81
C ASN A 134 -12.58 7.07 11.45
N LEU A 135 -11.50 7.84 11.38
CA LEU A 135 -10.93 8.19 10.06
C LEU A 135 -10.16 6.99 9.51
N THR A 136 -9.48 6.21 10.36
CA THR A 136 -8.83 4.95 9.97
C THR A 136 -9.87 4.06 9.31
N ARG A 137 -11.06 3.95 9.90
CA ARG A 137 -12.15 3.09 9.34
C ARG A 137 -12.51 3.55 7.93
N LYS A 138 -12.70 4.85 7.71
CA LYS A 138 -13.06 5.39 6.38
C LYS A 138 -12.01 5.05 5.33
N PHE A 139 -10.72 5.14 5.70
CA PHE A 139 -9.60 4.77 4.82
C PHE A 139 -9.66 3.27 4.54
N ALA A 140 -9.83 2.47 5.59
CA ALA A 140 -9.86 1.00 5.47
C ALA A 140 -10.96 0.63 4.47
N GLN A 141 -12.13 1.24 4.58
CA GLN A 141 -13.31 0.83 3.77
C GLN A 141 -13.06 1.16 2.30
N GLN A 142 -12.45 2.30 2.01
CA GLN A 142 -12.14 2.70 0.63
C GLN A 142 -11.07 1.78 0.03
N MET A 143 -10.03 1.44 0.81
CA MET A 143 -8.90 0.63 0.34
C MET A 143 -9.40 -0.82 0.15
N CYS A 144 -10.23 -1.34 1.04
CA CYS A 144 -10.81 -2.68 0.86
C CYS A 144 -11.63 -2.72 -0.42
N THR A 145 -12.34 -1.64 -0.73
CA THR A 145 -13.16 -1.55 -1.96
C THR A 145 -12.25 -1.50 -3.17
N ALA A 146 -11.17 -0.71 -3.14
CA ALA A 146 -10.16 -0.72 -4.23
C ALA A 146 -9.64 -2.14 -4.47
N LEU A 147 -9.23 -2.85 -3.41
CA LEU A 147 -8.60 -4.20 -3.53
C LEU A 147 -9.65 -5.17 -4.09
N LEU A 148 -10.92 -5.03 -3.67
CA LEU A 148 -12.03 -5.83 -4.26
C LEU A 148 -12.09 -5.55 -5.77
N PHE A 149 -11.98 -4.32 -6.21
CA PHE A 149 -12.00 -4.00 -7.65
C PHE A 149 -10.79 -4.65 -8.37
N LEU A 150 -9.58 -4.58 -7.81
CA LEU A 150 -8.37 -5.14 -8.44
C LEU A 150 -8.50 -6.66 -8.51
N ALA A 151 -9.23 -7.27 -7.59
CA ALA A 151 -9.41 -8.73 -7.54
C ALA A 151 -10.42 -9.19 -8.61
N THR A 152 -11.13 -8.28 -9.29
CA THR A 152 -12.04 -8.71 -10.40
C THR A 152 -11.28 -9.69 -11.28
N PRO A 153 -11.83 -10.91 -11.53
CA PRO A 153 -11.10 -11.94 -12.25
C PRO A 153 -10.39 -11.43 -13.50
N GLU A 154 -11.08 -10.69 -14.36
CA GLU A 154 -10.49 -10.27 -15.66
C GLU A 154 -9.40 -9.21 -15.39
N LEU A 155 -9.34 -8.58 -14.19
CA LEU A 155 -8.20 -7.68 -13.86
C LEU A 155 -7.13 -8.50 -13.12
N SER A 156 -7.42 -9.00 -11.93
CA SER A 156 -6.46 -9.75 -11.10
C SER A 156 -5.15 -8.95 -11.00
N ILE A 157 -5.27 -7.67 -10.71
CA ILE A 157 -4.09 -6.79 -10.57
C ILE A 157 -3.56 -6.81 -9.13
N ILE A 158 -2.27 -7.07 -9.01
CA ILE A 158 -1.52 -6.91 -7.74
C ILE A 158 -0.85 -5.55 -7.83
N HIS A 159 -1.11 -4.66 -6.88
CA HIS A 159 -0.49 -3.32 -6.84
C HIS A 159 1.02 -3.45 -6.65
N CYS A 160 1.41 -4.23 -5.63
CA CYS A 160 2.82 -4.59 -5.30
C CYS A 160 3.55 -3.46 -4.56
N ASP A 161 2.98 -2.25 -4.40
CA ASP A 161 3.71 -1.21 -3.64
C ASP A 161 2.75 -0.35 -2.85
N LEU A 162 1.81 -0.96 -2.14
CA LEU A 162 0.89 -0.16 -1.29
C LEU A 162 1.64 0.31 -0.05
N LYS A 163 1.45 1.58 0.25
CA LYS A 163 2.07 2.29 1.39
C LYS A 163 1.38 3.66 1.46
N PRO A 164 1.48 4.39 2.61
CA PRO A 164 0.82 5.68 2.83
C PRO A 164 1.12 6.65 1.68
N GLU A 165 2.36 6.63 1.18
CA GLU A 165 2.81 7.58 0.15
C GLU A 165 2.01 7.34 -1.15
N ASN A 166 1.51 6.12 -1.38
CA ASN A 166 0.86 5.75 -2.66
C ASN A 166 -0.65 5.83 -2.50
N ILE A 167 -1.12 6.47 -1.43
CA ILE A 167 -2.57 6.70 -1.23
C ILE A 167 -2.76 8.20 -1.09
N LEU A 168 -3.56 8.82 -1.98
CA LEU A 168 -3.70 10.31 -2.02
C LEU A 168 -5.12 10.68 -1.63
N LEU A 169 -5.28 11.76 -0.88
CA LEU A 169 -6.59 12.39 -0.65
C LEU A 169 -7.03 12.93 -2.00
N CYS A 170 -8.32 12.81 -2.29
CA CYS A 170 -8.93 13.44 -3.49
C CYS A 170 -9.00 14.96 -3.35
N ASN A 171 -8.98 15.49 -2.12
CA ASN A 171 -9.32 16.89 -1.79
C ASN A 171 -8.77 17.13 -0.40
N PRO A 172 -7.99 18.21 -0.22
CA PRO A 172 -7.34 18.49 1.07
C PRO A 172 -8.34 18.68 2.24
N LYS A 173 -9.59 19.08 1.95
CA LYS A 173 -10.67 19.26 2.95
C LYS A 173 -11.28 17.90 3.35
N ARG A 174 -11.10 16.79 2.58
CA ARG A 174 -12.03 15.63 2.69
C ARG A 174 -11.30 14.32 2.92
N SER A 175 -12.05 13.26 3.19
CA SER A 175 -11.46 11.96 3.59
C SER A 175 -11.57 10.93 2.46
N ALA A 176 -11.99 11.32 1.25
CA ALA A 176 -11.92 10.44 0.05
C ALA A 176 -10.46 10.21 -0.34
N ILE A 177 -10.09 8.99 -0.68
CA ILE A 177 -8.71 8.64 -1.12
C ILE A 177 -8.75 7.86 -2.42
N LYS A 178 -7.63 7.90 -3.10
CA LYS A 178 -7.39 7.03 -4.27
C LYS A 178 -5.98 6.46 -4.20
N ILE A 179 -5.83 5.24 -4.71
CA ILE A 179 -4.53 4.56 -4.86
C ILE A 179 -3.88 5.12 -6.12
N VAL A 180 -2.57 5.42 -6.05
CA VAL A 180 -1.78 5.82 -7.25
C VAL A 180 -0.62 4.84 -7.43
N ASP A 181 0.02 4.97 -8.58
CA ASP A 181 1.36 4.44 -8.95
C ASP A 181 1.25 2.92 -9.13
N PHE A 182 0.91 2.51 -10.36
CA PHE A 182 0.82 1.09 -10.76
C PHE A 182 2.09 0.73 -11.54
N GLY A 183 3.19 1.41 -11.19
CA GLY A 183 4.52 1.26 -11.80
C GLY A 183 5.18 -0.06 -11.43
N SER A 184 4.78 -0.72 -10.36
CA SER A 184 5.33 -2.02 -9.89
C SER A 184 4.30 -3.10 -10.06
N SER A 185 3.10 -2.73 -10.53
CA SER A 185 1.94 -3.64 -10.59
C SER A 185 2.13 -4.73 -11.65
N CYS A 186 1.47 -5.86 -11.41
CA CYS A 186 1.38 -6.95 -12.38
C CYS A 186 0.04 -7.65 -12.21
N GLN A 187 -0.43 -8.26 -13.30
CA GLN A 187 -1.55 -9.21 -13.19
C GLN A 187 -1.05 -10.50 -12.57
N LEU A 188 -1.97 -11.21 -11.96
CA LEU A 188 -1.73 -12.59 -11.46
C LEU A 188 -1.14 -13.42 -12.61
N GLY A 189 -0.04 -14.13 -12.36
CA GLY A 189 0.60 -14.96 -13.40
C GLY A 189 1.43 -14.15 -14.40
N GLN A 190 1.66 -12.86 -14.14
CA GLN A 190 2.58 -12.02 -14.95
C GLN A 190 3.67 -11.44 -14.04
N ARG A 191 4.03 -12.16 -12.97
CA ARG A 191 5.11 -11.74 -12.04
C ARG A 191 6.40 -11.51 -12.81
N ILE A 192 7.11 -10.44 -12.49
CA ILE A 192 8.46 -10.21 -13.05
C ILE A 192 9.48 -10.34 -11.93
N TYR A 193 9.37 -9.53 -10.87
CA TYR A 193 10.44 -9.41 -9.85
C TYR A 193 10.05 -10.26 -8.65
N GLN A 194 11.06 -10.87 -8.06
CA GLN A 194 10.95 -11.58 -6.77
C GLN A 194 11.04 -10.53 -5.64
N PTR A 195 11.88 -9.50 -5.79
CA PTR A 195 12.05 -8.47 -4.77
C PTR A 195 11.13 -7.29 -5.07
O PTR A 195 11.45 -6.45 -5.92
CB PTR A 195 13.50 -7.98 -4.75
CG PTR A 195 13.93 -7.09 -3.61
CD1 PTR A 195 14.01 -5.71 -3.75
CD2 PTR A 195 14.38 -7.65 -2.45
CE1 PTR A 195 14.46 -4.89 -2.71
CE2 PTR A 195 14.84 -6.87 -1.40
CZ PTR A 195 14.87 -5.50 -1.54
OH PTR A 195 15.52 -4.89 -0.46
P PTR A 195 15.12 -3.72 0.42
O1P PTR A 195 16.13 -2.65 0.54
O2P PTR A 195 13.80 -3.14 -0.08
O3P PTR A 195 14.97 -4.42 1.74
N ILE A 196 10.00 -7.22 -4.35
CA ILE A 196 8.99 -6.19 -4.57
C ILE A 196 8.40 -5.74 -3.23
N GLN A 197 7.55 -4.71 -3.28
CA GLN A 197 6.92 -4.04 -2.12
C GLN A 197 7.99 -3.23 -1.38
N SER A 198 7.57 -2.16 -0.75
CA SER A 198 8.42 -1.37 0.15
C SER A 198 8.59 -2.16 1.43
N ARG A 199 9.82 -2.16 1.96
CA ARG A 199 10.22 -3.16 2.99
C ARG A 199 9.21 -3.18 4.13
N PHE A 200 8.85 -2.02 4.69
CA PHE A 200 7.96 -1.96 5.88
C PHE A 200 6.61 -2.66 5.62
N TYR A 201 6.20 -2.73 4.35
CA TYR A 201 4.84 -3.20 3.93
C TYR A 201 4.98 -4.52 3.16
N ARG A 202 6.15 -5.15 3.22
CA ARG A 202 6.45 -6.37 2.42
C ARG A 202 5.88 -7.60 3.18
N SER A 203 5.17 -8.44 2.45
CA SER A 203 4.46 -9.63 2.96
C SER A 203 5.48 -10.73 3.28
N PRO A 204 5.17 -11.65 4.22
CA PRO A 204 6.03 -12.79 4.49
C PRO A 204 6.36 -13.60 3.23
N GLU A 205 5.35 -13.81 2.37
CA GLU A 205 5.51 -14.66 1.18
C GLU A 205 6.57 -14.02 0.27
N VAL A 206 6.62 -12.69 0.17
CA VAL A 206 7.67 -12.02 -0.65
C VAL A 206 9.04 -12.11 0.05
N LEU A 207 9.10 -11.84 1.35
CA LEU A 207 10.34 -12.01 2.16
C LEU A 207 10.84 -13.43 2.01
N LEU A 208 9.95 -14.41 1.91
CA LEU A 208 10.31 -15.85 1.86
C LEU A 208 10.56 -16.33 0.44
N GLY A 209 10.53 -15.44 -0.57
CA GLY A 209 10.85 -15.74 -1.97
C GLY A 209 9.85 -16.66 -2.61
N MET A 210 8.59 -16.64 -2.16
CA MET A 210 7.51 -17.52 -2.68
C MET A 210 6.73 -16.80 -3.80
N PRO A 211 6.09 -17.58 -4.70
CA PRO A 211 5.25 -17.00 -5.74
C PRO A 211 4.10 -16.29 -5.01
N TYR A 212 3.77 -15.07 -5.43
CA TYR A 212 2.87 -14.18 -4.66
C TYR A 212 1.61 -13.92 -5.51
N ASP A 213 0.54 -13.50 -4.87
CA ASP A 213 -0.79 -13.22 -5.47
C ASP A 213 -1.34 -11.95 -4.83
N LEU A 214 -2.63 -11.68 -4.98
CA LEU A 214 -3.24 -10.37 -4.63
C LEU A 214 -3.23 -10.21 -3.11
N ALA A 215 -3.01 -11.30 -2.36
CA ALA A 215 -2.99 -11.27 -0.89
C ALA A 215 -1.84 -10.37 -0.36
N ILE A 216 -0.77 -10.15 -1.11
CA ILE A 216 0.35 -9.29 -0.63
C ILE A 216 -0.16 -7.85 -0.43
N ASP A 217 -1.17 -7.42 -1.19
CA ASP A 217 -1.71 -6.05 -1.03
C ASP A 217 -2.48 -6.00 0.29
N MET A 218 -3.19 -7.06 0.66
CA MET A 218 -3.98 -7.07 1.90
C MET A 218 -2.99 -7.04 3.10
N TRP A 219 -1.84 -7.70 3.00
CA TRP A 219 -0.82 -7.66 4.05
C TRP A 219 -0.39 -6.20 4.21
N SER A 220 -0.05 -5.54 3.10
CA SER A 220 0.41 -4.16 3.12
C SER A 220 -0.68 -3.34 3.81
N LEU A 221 -1.96 -3.59 3.47
CA LEU A 221 -3.08 -2.76 3.96
C LEU A 221 -3.14 -2.89 5.47
N GLY A 222 -3.02 -4.12 6.00
CA GLY A 222 -3.07 -4.30 7.46
C GLY A 222 -2.00 -3.46 8.14
N CYS A 223 -0.79 -3.44 7.57
CA CYS A 223 0.35 -2.67 8.10
C CYS A 223 0.01 -1.18 8.06
N ILE A 224 -0.55 -0.74 6.94
CA ILE A 224 -0.87 0.70 6.70
C ILE A 224 -1.90 1.16 7.76
N LEU A 225 -2.95 0.37 7.98
CA LEU A 225 -4.06 0.83 8.86
C LEU A 225 -3.56 0.98 10.30
N VAL A 226 -2.73 0.06 10.77
CA VAL A 226 -2.17 0.14 12.16
C VAL A 226 -1.34 1.43 12.21
N GLU A 227 -0.49 1.67 11.22
CA GLU A 227 0.36 2.88 11.16
C GLU A 227 -0.50 4.15 11.10
N MET A 228 -1.58 4.19 10.34
CA MET A 228 -2.45 5.40 10.22
C MET A 228 -3.02 5.73 11.61
N HIS A 229 -3.27 4.72 12.45
CA HIS A 229 -3.88 5.00 13.79
C HIS A 229 -2.83 5.27 14.88
N THR A 230 -1.65 4.65 14.85
CA THR A 230 -0.62 4.78 15.91
C THR A 230 0.34 5.89 15.54
N GLY A 231 0.40 6.28 14.25
CA GLY A 231 1.37 7.26 13.75
C GLY A 231 2.72 6.66 13.32
N GLU A 232 3.01 5.41 13.65
CA GLU A 232 4.34 4.77 13.41
C GLU A 232 4.17 3.48 12.62
N PRO A 233 5.18 3.09 11.82
CA PRO A 233 5.12 1.86 11.04
C PRO A 233 5.04 0.67 12.00
N LEU A 234 4.20 -0.31 11.67
CA LEU A 234 4.04 -1.52 12.50
C LEU A 234 5.35 -2.29 12.54
N PHE A 235 5.99 -2.48 11.38
CA PHE A 235 7.17 -3.33 11.23
C PHE A 235 8.22 -2.54 10.47
N SER A 236 9.12 -1.84 11.16
CA SER A 236 10.10 -0.98 10.47
C SER A 236 11.46 -1.67 10.41
N GLY A 237 11.59 -2.71 9.61
CA GLY A 237 12.88 -3.43 9.48
C GLY A 237 13.86 -2.55 8.72
N ALA A 238 15.13 -2.54 9.14
CA ALA A 238 16.23 -1.84 8.46
C ALA A 238 16.74 -2.70 7.30
N ASN A 239 16.33 -3.96 7.23
CA ASN A 239 16.73 -4.87 6.14
C ASN A 239 15.82 -6.09 6.24
N GLU A 240 15.96 -7.03 5.32
CA GLU A 240 14.94 -8.10 5.23
C GLU A 240 15.00 -8.95 6.50
N VAL A 241 16.19 -9.15 7.07
CA VAL A 241 16.33 -10.02 8.27
C VAL A 241 15.58 -9.34 9.41
N ASP A 242 15.84 -8.05 9.61
CA ASP A 242 15.23 -7.22 10.69
C ASP A 242 13.72 -7.17 10.44
N GLN A 243 13.33 -7.09 9.17
CA GLN A 243 11.88 -7.03 8.81
C GLN A 243 11.22 -8.31 9.32
N MET A 244 11.72 -9.48 8.96
CA MET A 244 11.10 -10.77 9.33
C MET A 244 11.11 -10.88 10.87
N ASN A 245 12.18 -10.43 11.53
CA ASN A 245 12.29 -10.51 13.02
C ASN A 245 11.21 -9.64 13.65
N LYS A 246 11.01 -8.41 13.15
CA LYS A 246 9.95 -7.54 13.68
C LYS A 246 8.57 -8.15 13.42
N ILE A 247 8.34 -8.81 12.28
CA ILE A 247 7.01 -9.45 12.08
C ILE A 247 6.83 -10.57 13.11
N VAL A 248 7.86 -11.39 13.30
CA VAL A 248 7.82 -12.56 14.23
C VAL A 248 7.58 -12.06 15.66
N GLU A 249 8.17 -10.94 16.08
CA GLU A 249 7.94 -10.37 17.43
C GLU A 249 6.45 -10.28 17.70
N VAL A 250 5.67 -9.92 16.70
CA VAL A 250 4.21 -9.69 16.88
C VAL A 250 3.42 -10.95 16.59
N LEU A 251 3.77 -11.73 15.56
CA LEU A 251 2.82 -12.76 15.06
C LEU A 251 3.35 -14.17 15.33
N GLY A 252 4.55 -14.33 15.89
CA GLY A 252 5.14 -15.65 16.16
C GLY A 252 5.86 -16.21 14.95
N ILE A 253 6.33 -17.43 15.08
CA ILE A 253 7.01 -18.19 14.01
C ILE A 253 5.95 -18.50 12.96
N PRO A 254 6.24 -18.22 11.67
CA PRO A 254 5.31 -18.55 10.58
C PRO A 254 5.02 -20.05 10.59
N PRO A 255 3.86 -20.51 10.12
CA PRO A 255 3.55 -21.94 10.14
C PRO A 255 4.48 -22.81 9.29
N ALA A 256 4.70 -24.04 9.78
CA ALA A 256 5.65 -25.04 9.26
C ALA A 256 5.36 -25.33 7.79
N HIS A 257 4.08 -25.56 7.46
CA HIS A 257 3.64 -25.87 6.08
C HIS A 257 4.10 -24.75 5.14
N ILE A 258 4.16 -23.50 5.62
CA ILE A 258 4.63 -22.35 4.79
C ILE A 258 6.14 -22.45 4.69
N LEU A 259 6.83 -22.54 5.82
CA LEU A 259 8.32 -22.56 5.86
C LEU A 259 8.82 -23.77 5.07
N ASP A 260 8.14 -24.91 5.16
CA ASP A 260 8.48 -26.12 4.35
C ASP A 260 8.50 -25.81 2.85
N GLN A 261 7.73 -24.85 2.34
CA GLN A 261 7.62 -24.60 0.88
C GLN A 261 8.42 -23.37 0.48
N ALA A 262 9.11 -22.73 1.41
CA ALA A 262 9.68 -21.38 1.19
C ALA A 262 11.13 -21.45 0.76
N PRO A 263 11.44 -21.03 -0.47
CA PRO A 263 12.82 -20.94 -0.93
C PRO A 263 13.79 -20.19 -0.01
N LYS A 264 13.32 -19.21 0.75
CA LYS A 264 14.26 -18.37 1.54
C LYS A 264 13.97 -18.57 3.02
N ALA A 265 13.29 -19.64 3.42
CA ALA A 265 12.99 -19.91 4.84
C ALA A 265 14.29 -19.85 5.68
N ARG A 266 15.37 -20.42 5.17
CA ARG A 266 16.69 -20.53 5.88
C ARG A 266 17.46 -19.22 5.83
N LYS A 267 16.97 -18.19 5.16
CA LYS A 267 17.46 -16.80 5.38
C LYS A 267 17.10 -16.34 6.80
N PHE A 268 16.03 -16.87 7.42
CA PHE A 268 15.52 -16.29 8.68
C PHE A 268 15.40 -17.36 9.78
N PHE A 269 15.09 -18.59 9.40
CA PHE A 269 14.67 -19.67 10.33
C PHE A 269 15.58 -20.89 10.11
N GLU A 270 15.40 -21.89 10.99
CA GLU A 270 16.15 -23.16 10.97
C GLU A 270 15.16 -24.26 11.33
N LYS A 271 15.18 -25.35 10.56
CA LYS A 271 14.28 -26.51 10.77
C LYS A 271 14.94 -27.43 11.81
N LEU A 272 14.15 -27.91 12.76
CA LEU A 272 14.70 -28.58 13.97
C LEU A 272 14.47 -30.09 13.92
N PRO A 273 15.22 -30.85 14.75
CA PRO A 273 15.31 -32.30 14.59
C PRO A 273 14.01 -32.89 14.05
N ASP A 274 12.89 -32.48 14.65
CA ASP A 274 11.51 -32.99 14.43
C ASP A 274 10.74 -32.07 13.47
N GLY A 275 11.43 -31.43 12.52
CA GLY A 275 10.85 -30.57 11.47
C GLY A 275 9.94 -29.49 12.03
N THR A 276 10.33 -28.87 13.14
CA THR A 276 9.72 -27.61 13.65
C THR A 276 10.69 -26.49 13.32
N TRP A 277 10.24 -25.24 13.34
CA TRP A 277 11.12 -24.12 12.96
C TRP A 277 11.25 -23.15 14.12
N ASN A 278 12.37 -22.42 14.10
CA ASN A 278 12.79 -21.39 15.09
C ASN A 278 13.53 -20.28 14.37
N LEU A 279 13.68 -19.11 14.98
CA LEU A 279 14.54 -18.07 14.40
C LEU A 279 15.98 -18.58 14.35
N LYS A 280 16.70 -18.33 13.26
CA LYS A 280 18.18 -18.24 13.32
C LYS A 280 18.47 -17.02 14.18
N LYS A 281 19.28 -17.14 15.22
CA LYS A 281 19.64 -15.98 16.08
C LYS A 281 20.93 -15.33 15.53
N THR A 282 21.01 -14.01 15.63
CA THR A 282 22.19 -13.16 15.34
C THR A 282 22.78 -12.67 16.69
N LYS A 283 23.71 -11.71 16.71
CA LYS A 283 24.17 -11.05 17.96
C LYS A 283 23.03 -10.17 18.53
N ASP A 284 22.97 -10.01 19.85
CA ASP A 284 21.88 -9.25 20.52
C ASP A 284 22.06 -7.75 20.29
N TYR A 289 15.22 -8.25 20.36
CA TYR A 289 13.87 -8.62 19.87
C TYR A 289 13.11 -9.32 20.98
N LYS A 290 11.85 -8.91 21.21
CA LYS A 290 10.93 -9.67 22.09
C LYS A 290 10.87 -11.09 21.57
N PRO A 291 10.61 -12.08 22.44
CA PRO A 291 10.52 -13.48 22.00
C PRO A 291 9.30 -13.59 21.08
N PRO A 292 9.28 -14.60 20.17
CA PRO A 292 8.22 -14.73 19.17
C PRO A 292 6.79 -14.60 19.69
N GLY A 293 6.04 -13.66 19.09
CA GLY A 293 4.59 -13.53 19.31
C GLY A 293 4.26 -12.89 20.63
N THR A 294 5.22 -12.19 21.26
CA THR A 294 4.98 -11.49 22.55
C THR A 294 4.88 -9.97 22.44
N ARG A 295 5.27 -9.37 21.31
CA ARG A 295 4.92 -7.94 21.07
C ARG A 295 3.49 -7.90 20.53
N LYS A 296 2.54 -7.88 21.45
CA LYS A 296 1.11 -8.14 21.20
C LYS A 296 0.45 -6.93 20.53
N LEU A 297 -0.31 -7.19 19.47
CA LEU A 297 -1.00 -6.13 18.72
C LEU A 297 -1.94 -5.39 19.67
N HIS A 298 -2.60 -6.08 20.62
CA HIS A 298 -3.56 -5.46 21.59
C HIS A 298 -2.86 -4.34 22.38
N ASN A 299 -1.56 -4.47 22.65
CA ASN A 299 -0.78 -3.44 23.39
C ASN A 299 -0.34 -2.35 22.42
N ILE A 300 0.01 -2.73 21.18
CA ILE A 300 0.43 -1.71 20.17
C ILE A 300 -0.75 -0.77 19.95
N LEU A 301 -1.94 -1.33 19.87
CA LEU A 301 -3.18 -0.54 19.57
C LEU A 301 -3.66 0.13 20.87
N GLY A 302 -3.26 -0.36 22.03
CA GLY A 302 -3.82 0.08 23.34
C GLY A 302 -5.29 -0.27 23.51
N VAL A 303 -5.73 -1.45 23.08
CA VAL A 303 -7.15 -1.88 23.10
C VAL A 303 -7.77 -1.55 24.47
N GLU A 304 -7.10 -1.92 25.55
CA GLU A 304 -7.63 -1.81 26.92
C GLU A 304 -6.85 -0.76 27.73
N THR A 305 -6.25 0.24 27.07
CA THR A 305 -5.36 1.21 27.77
C THR A 305 -5.44 2.58 27.09
N GLY A 306 -6.59 2.93 26.51
CA GLY A 306 -6.86 4.24 25.91
C GLY A 306 -6.16 4.47 24.56
N GLY A 307 -5.97 3.42 23.73
CA GLY A 307 -5.45 3.57 22.36
C GLY A 307 -3.96 3.87 22.36
N PRO A 308 -3.34 4.15 21.19
CA PRO A 308 -1.88 4.28 21.10
C PRO A 308 -1.29 5.35 22.05
N GLY A 309 -0.36 4.94 22.91
CA GLY A 309 0.21 5.77 23.99
C GLY A 309 -0.85 6.35 24.93
N GLY A 310 -2.05 5.75 24.99
CA GLY A 310 -3.14 6.17 25.88
C GLY A 310 -3.74 7.49 25.43
N ARG A 311 -3.38 7.96 24.23
CA ARG A 311 -3.76 9.32 23.75
C ARG A 311 -5.25 9.36 23.38
N ARG A 312 -5.94 8.24 23.26
CA ARG A 312 -7.39 8.23 22.89
C ARG A 312 -8.28 8.06 24.14
N ALA A 313 -7.71 8.01 25.36
CA ALA A 313 -8.42 7.69 26.62
C ALA A 313 -9.72 8.50 26.68
N GLY A 314 -10.85 7.82 26.56
CA GLY A 314 -12.18 8.42 26.77
C GLY A 314 -12.76 9.19 25.57
N GLU A 315 -12.06 9.31 24.43
CA GLU A 315 -12.68 9.87 23.18
C GLU A 315 -13.77 8.90 22.68
N SER A 316 -14.87 9.42 22.12
CA SER A 316 -15.94 8.59 21.49
C SER A 316 -15.40 7.87 20.24
N GLY A 317 -16.04 6.76 19.89
CA GLY A 317 -15.62 5.87 18.81
C GLY A 317 -14.25 5.26 19.08
N HIS A 318 -13.79 5.24 20.33
CA HIS A 318 -12.51 4.59 20.71
C HIS A 318 -12.73 3.72 21.94
N THR A 319 -13.90 3.08 22.03
CA THR A 319 -14.24 2.13 23.12
C THR A 319 -13.45 0.84 22.88
N VAL A 320 -13.17 0.10 23.96
CA VAL A 320 -12.56 -1.25 23.90
C VAL A 320 -13.25 -2.08 22.80
N ALA A 321 -14.59 -2.06 22.68
CA ALA A 321 -15.35 -2.89 21.72
C ALA A 321 -14.94 -2.52 20.29
N ASP A 322 -14.76 -1.21 20.03
CA ASP A 322 -14.39 -0.68 18.70
C ASP A 322 -12.97 -1.14 18.40
N TYR A 323 -12.13 -1.14 19.43
CA TYR A 323 -10.70 -1.51 19.32
C TYR A 323 -10.61 -3.00 19.04
N LEU A 324 -11.43 -3.83 19.71
CA LEU A 324 -11.34 -5.29 19.54
C LEU A 324 -11.69 -5.60 18.09
N LYS A 325 -12.68 -4.93 17.52
CA LYS A 325 -13.12 -5.20 16.13
C LYS A 325 -11.98 -4.86 15.17
N PHE A 326 -11.32 -3.72 15.39
CA PHE A 326 -10.18 -3.25 14.58
C PHE A 326 -9.07 -4.28 14.67
N LYS A 327 -8.67 -4.63 15.89
CA LYS A 327 -7.64 -5.65 16.12
C LYS A 327 -8.01 -6.96 15.40
N ASP A 328 -9.25 -7.42 15.51
CA ASP A 328 -9.66 -8.68 14.85
C ASP A 328 -9.43 -8.56 13.34
N LEU A 329 -9.86 -7.46 12.73
CA LEU A 329 -9.72 -7.27 11.27
C LEU A 329 -8.24 -7.27 10.91
N ILE A 330 -7.41 -6.57 11.67
CA ILE A 330 -5.96 -6.43 11.32
C ILE A 330 -5.34 -7.83 11.35
N LEU A 331 -5.66 -8.63 12.38
CA LEU A 331 -5.00 -9.94 12.51
C LEU A 331 -5.45 -10.88 11.39
N ARG A 332 -6.62 -10.66 10.78
CA ARG A 332 -7.08 -11.44 9.61
C ARG A 332 -6.31 -10.95 8.38
N MET A 333 -5.97 -9.66 8.34
CA MET A 333 -5.17 -9.06 7.25
C MET A 333 -3.72 -9.53 7.37
N LEU A 334 -3.25 -9.82 8.58
CA LEU A 334 -1.85 -10.22 8.81
C LEU A 334 -1.75 -11.72 9.08
N ASP A 335 -2.70 -12.50 8.56
CA ASP A 335 -2.54 -13.97 8.47
C ASP A 335 -1.24 -14.25 7.69
N TYR A 336 -0.35 -15.10 8.23
CA TYR A 336 0.84 -15.57 7.50
C TYR A 336 0.45 -16.32 6.23
N ASP A 337 -0.67 -17.05 6.26
CA ASP A 337 -1.06 -17.93 5.16
C ASP A 337 -1.82 -17.11 4.13
N PRO A 338 -1.28 -16.84 2.91
CA PRO A 338 -1.97 -16.03 1.90
C PRO A 338 -3.24 -16.70 1.36
N LYS A 339 -3.37 -18.00 1.60
CA LYS A 339 -4.56 -18.79 1.23
C LYS A 339 -5.72 -18.42 2.16
N THR A 340 -5.46 -18.22 3.45
CA THR A 340 -6.53 -17.99 4.46
C THR A 340 -6.57 -16.51 4.84
N ARG A 341 -5.57 -15.70 4.50
CA ARG A 341 -5.62 -14.23 4.74
C ARG A 341 -6.98 -13.69 4.26
N ILE A 342 -7.57 -12.78 5.02
CA ILE A 342 -8.89 -12.23 4.63
C ILE A 342 -8.81 -11.59 3.24
N GLN A 343 -9.88 -11.75 2.47
CA GLN A 343 -10.00 -11.20 1.11
C GLN A 343 -10.91 -9.98 1.16
N PRO A 344 -10.84 -9.09 0.15
CA PRO A 344 -11.48 -7.78 0.19
C PRO A 344 -12.98 -7.82 0.49
N TYR A 345 -13.71 -8.72 -0.16
CA TYR A 345 -15.19 -8.77 0.02
C TYR A 345 -15.47 -9.10 1.48
N TYR A 346 -14.78 -10.09 2.01
CA TYR A 346 -15.03 -10.53 3.40
C TYR A 346 -14.52 -9.47 4.36
N ALA A 347 -13.49 -8.72 4.00
CA ALA A 347 -13.02 -7.67 4.93
C ALA A 347 -14.14 -6.63 5.07
N LEU A 348 -14.78 -6.27 3.96
CA LEU A 348 -15.88 -5.28 3.96
C LEU A 348 -17.08 -5.74 4.81
N GLN A 349 -17.28 -7.04 5.03
CA GLN A 349 -18.43 -7.56 5.81
C GLN A 349 -18.04 -7.64 7.29
N HIS A 350 -16.80 -7.30 7.64
CA HIS A 350 -16.31 -7.41 9.03
C HIS A 350 -17.09 -6.44 9.91
N SER A 351 -17.22 -6.78 11.20
CA SER A 351 -18.03 -5.99 12.16
C SER A 351 -17.43 -4.58 12.30
N PHE A 352 -16.13 -4.44 12.06
CA PHE A 352 -15.42 -3.14 12.16
C PHE A 352 -16.18 -2.14 11.29
N PHE A 353 -16.73 -2.57 10.16
CA PHE A 353 -17.44 -1.65 9.23
C PHE A 353 -18.95 -1.57 9.52
N LYS A 354 -19.46 -2.26 10.54
CA LYS A 354 -20.94 -2.32 10.74
C LYS A 354 -21.38 -1.16 11.66
N LYS A 355 -22.38 -0.40 11.19
CA LYS A 355 -23.01 0.75 11.91
C LYS A 355 -23.71 0.25 13.18
C1 QZW B . -1.24 16.04 -6.50
N1 QZW B . 0.09 14.07 -7.01
O1 QZW B . 1.39 12.20 -7.43
S1 QZW B . 6.14 11.77 -7.11
C2 QZW B . -1.03 14.77 -7.23
N2 QZW B . -2.60 12.69 -9.66
C3 QZW B . 0.29 12.92 -7.64
N3 QZW B . -0.13 6.80 -11.12
C4 QZW B . 2.31 12.67 -6.43
N4 QZW B . 1.68 7.89 -10.26
C5 QZW B . 3.64 12.01 -6.66
N5 QZW B . -1.99 14.42 -8.10
C6 QZW B . 4.78 12.75 -6.85
C7 QZW B . 5.25 10.36 -6.91
C8 QZW B . 3.94 10.63 -6.73
C9 QZW B . -0.65 12.43 -8.55
C10 QZW B . -1.78 13.26 -8.74
C11 QZW B . -2.01 11.52 -10.09
C12 QZW B . -0.80 11.31 -9.46
C13 QZW B . 0.07 10.12 -9.69
C14 QZW B . -0.44 9.00 -10.33
C15 QZW B . 0.37 7.92 -10.59
C16 QZW B . 2.19 8.99 -9.67
C17 QZW B . 1.42 10.11 -9.39
CL CL C . 8.12 -2.90 -5.89
#